data_6IRI
#
_entry.id   6IRI
#
_cell.length_a   27.946
_cell.length_b   51.121
_cell.length_c   31.570
_cell.angle_alpha   90.000
_cell.angle_beta   116.150
_cell.angle_gamma   90.000
#
_symmetry.space_group_name_H-M   'P 1 21 1'
#
loop_
_entity.id
_entity.type
_entity.pdbx_description
1 polymer Ferredoxin
2 non-polymer 'SULFATE ION'
3 non-polymer 'FE2/S2 (INORGANIC) CLUSTER'
4 water water
#
_entity_poly.entity_id   1
_entity_poly.type   'polypeptide(L)'
_entity_poly.pdbx_seq_one_letter_code
;MTKRDHNKVYNVTLVNEERGLNKTIRVHADEYILDAAEAQGIPLPYSCRAGACVNCAGRIIKGTVDQSDHSFLKPKELDA
GFVLLCAAYPTSDCVISTHEEDNLLNLA
;
_entity_poly.pdbx_strand_id   A
#
# COMPACT_ATOMS: atom_id res chain seq x y z
N THR A 2 1.36 -18.67 0.21
CA THR A 2 1.86 -18.12 1.49
C THR A 2 0.67 -17.98 2.38
N LYS A 3 0.72 -18.63 3.54
CA LYS A 3 -0.34 -18.56 4.52
C LYS A 3 -0.21 -17.24 5.23
N ARG A 4 -1.26 -16.43 5.13
CA ARG A 4 -1.44 -15.20 5.85
C ARG A 4 -2.72 -15.35 6.64
N ASP A 5 -2.69 -14.96 7.86
CA ASP A 5 -3.70 -15.24 8.80
C ASP A 5 -4.83 -14.16 8.89
N HIS A 6 -6.07 -14.48 8.55
CA HIS A 6 -7.10 -13.47 8.54
C HIS A 6 -7.43 -12.76 9.88
N ASN A 7 -7.34 -13.47 10.95
CA ASN A 7 -7.68 -12.84 12.24
C ASN A 7 -6.51 -12.03 12.80
N LYS A 8 -5.43 -11.92 12.04
CA LYS A 8 -4.37 -10.97 12.35
C LYS A 8 -4.62 -9.67 11.63
N VAL A 9 -4.80 -8.57 12.37
CA VAL A 9 -5.36 -7.34 11.85
C VAL A 9 -4.45 -6.19 12.31
N TYR A 10 -4.08 -5.37 11.31
CA TYR A 10 -3.23 -4.25 11.49
C TYR A 10 -3.92 -2.92 11.32
N ASN A 11 -3.41 -1.96 12.07
CA ASN A 11 -3.78 -0.56 11.91
C ASN A 11 -2.96 0.06 10.80
N VAL A 12 -3.62 0.44 9.70
CA VAL A 12 -2.95 1.01 8.51
C VAL A 12 -3.42 2.44 8.41
N THR A 13 -2.51 3.37 8.65
CA THR A 13 -2.81 4.78 8.54
C THR A 13 -2.41 5.29 7.16
N LEU A 14 -3.40 5.78 6.42
CA LEU A 14 -3.19 6.31 5.10
C LEU A 14 -3.11 7.80 5.22
N VAL A 15 -2.05 8.41 4.68
N VAL A 15 -2.10 8.43 4.65
CA VAL A 15 -1.70 9.81 4.86
CA VAL A 15 -1.98 9.82 4.77
C VAL A 15 -1.40 10.48 3.51
C VAL A 15 -1.61 10.40 3.43
N ASN A 16 -1.90 11.69 3.35
CA ASN A 16 -1.55 12.48 2.21
C ASN A 16 -1.51 13.92 2.66
N GLU A 17 -0.32 14.45 2.83
CA GLU A 17 -0.21 15.77 3.31
C GLU A 17 -0.81 16.82 2.43
N GLU A 18 -0.61 16.74 1.12
CA GLU A 18 -1.15 17.71 0.21
C GLU A 18 -2.68 17.80 0.26
N ARG A 19 -3.33 16.65 0.50
CA ARG A 19 -4.76 16.60 0.45
C ARG A 19 -5.39 16.64 1.82
N GLY A 20 -4.59 16.63 2.87
CA GLY A 20 -5.14 16.65 4.18
C GLY A 20 -5.77 15.35 4.66
N LEU A 21 -5.25 14.26 4.10
CA LEU A 21 -5.77 12.91 4.42
C LEU A 21 -5.00 12.32 5.55
N ASN A 22 -5.69 11.80 6.53
CA ASN A 22 -5.06 11.02 7.59
C ASN A 22 -6.14 10.13 8.20
N LYS A 23 -6.18 8.86 7.83
CA LYS A 23 -7.27 7.99 8.19
C LYS A 23 -6.68 6.64 8.50
N THR A 24 -7.09 6.05 9.62
CA THR A 24 -6.56 4.70 10.01
C THR A 24 -7.65 3.68 9.87
N ILE A 25 -7.35 2.62 9.18
CA ILE A 25 -8.26 1.52 8.93
C ILE A 25 -7.66 0.24 9.47
N ARG A 26 -8.51 -0.72 9.71
CA ARG A 26 -8.09 -2.06 10.12
C ARG A 26 -7.97 -2.95 8.90
N VAL A 27 -6.81 -3.57 8.70
CA VAL A 27 -6.54 -4.40 7.52
C VAL A 27 -6.09 -5.76 7.95
N HIS A 28 -6.77 -6.79 7.46
CA HIS A 28 -6.35 -8.13 7.77
C HIS A 28 -5.09 -8.53 7.09
N ALA A 29 -4.34 -9.47 7.69
CA ALA A 29 -3.04 -9.86 7.14
C ALA A 29 -3.16 -10.47 5.72
N ASP A 30 -4.34 -11.02 5.41
CA ASP A 30 -4.56 -11.65 4.14
C ASP A 30 -5.36 -10.82 3.17
N GLU A 31 -5.38 -9.53 3.38
CA GLU A 31 -6.18 -8.60 2.60
C GLU A 31 -5.27 -7.52 2.00
N TYR A 32 -5.40 -7.21 0.72
CA TYR A 32 -4.72 -6.10 0.14
C TYR A 32 -5.22 -4.76 0.73
N ILE A 33 -4.30 -3.81 0.95
CA ILE A 33 -4.63 -2.56 1.60
C ILE A 33 -5.71 -1.83 0.85
N LEU A 34 -5.63 -1.78 -0.51
N LEU A 34 -5.65 -1.79 -0.49
CA LEU A 34 -6.64 -1.05 -1.31
CA LEU A 34 -6.61 -1.00 -1.22
C LEU A 34 -8.00 -1.63 -1.03
C LEU A 34 -7.99 -1.64 -1.14
N ASP A 35 -8.06 -2.96 -1.02
CA ASP A 35 -9.36 -3.67 -0.91
C ASP A 35 -9.95 -3.37 0.45
N ALA A 36 -9.10 -3.29 1.49
CA ALA A 36 -9.61 -2.88 2.84
C ALA A 36 -10.12 -1.45 2.83
N ALA A 37 -9.39 -0.53 2.18
CA ALA A 37 -9.72 0.90 2.18
C ALA A 37 -11.06 1.02 1.43
N GLU A 38 -11.21 0.25 0.37
CA GLU A 38 -12.45 0.31 -0.36
C GLU A 38 -13.60 -0.24 0.42
N ALA A 39 -13.41 -1.35 1.12
CA ALA A 39 -14.47 -1.92 1.94
C ALA A 39 -14.88 -0.98 3.04
N GLN A 40 -13.99 -0.13 3.49
CA GLN A 40 -14.27 0.77 4.60
C GLN A 40 -14.53 2.19 4.13
N GLY A 41 -14.85 2.30 2.84
CA GLY A 41 -15.33 3.55 2.31
C GLY A 41 -14.35 4.67 2.02
N ILE A 42 -13.07 4.35 1.88
CA ILE A 42 -12.03 5.35 1.57
C ILE A 42 -11.57 5.19 0.15
N PRO A 43 -11.78 6.24 -0.67
CA PRO A 43 -11.31 6.08 -2.07
C PRO A 43 -9.81 6.39 -2.15
N LEU A 44 -9.13 5.54 -2.86
CA LEU A 44 -7.70 5.68 -3.12
C LEU A 44 -7.52 5.64 -4.63
N PRO A 45 -6.41 6.19 -5.17
CA PRO A 45 -6.21 6.09 -6.56
C PRO A 45 -5.90 4.68 -7.03
N TYR A 46 -6.45 4.33 -8.16
CA TYR A 46 -6.18 3.05 -8.77
C TYR A 46 -6.52 3.12 -10.25
N SER A 47 -6.00 2.18 -10.97
CA SER A 47 -6.24 2.03 -12.40
C SER A 47 -6.48 0.54 -12.65
N CYS A 48 -5.40 -0.23 -12.79
CA CYS A 48 -5.51 -1.64 -13.20
C CYS A 48 -6.02 -2.54 -12.08
N ARG A 49 -5.69 -2.22 -10.84
CA ARG A 49 -6.03 -3.06 -9.67
C ARG A 49 -5.40 -4.45 -9.70
N ALA A 50 -4.31 -4.60 -10.43
CA ALA A 50 -3.75 -5.92 -10.69
C ALA A 50 -2.26 -5.97 -10.43
N GLY A 51 -1.69 -4.92 -9.86
CA GLY A 51 -0.27 -4.89 -9.60
C GLY A 51 0.64 -4.53 -10.78
N ALA A 52 0.04 -4.09 -11.89
CA ALA A 52 0.68 -4.02 -13.13
C ALA A 52 0.74 -2.60 -13.68
N CYS A 53 0.60 -1.63 -12.82
CA CYS A 53 0.79 -0.23 -13.17
C CYS A 53 1.41 0.50 -11.97
N VAL A 54 1.36 1.83 -11.93
CA VAL A 54 1.83 2.53 -10.75
C VAL A 54 0.79 3.43 -10.13
N ASN A 55 -0.42 3.36 -10.66
CA ASN A 55 -1.40 4.33 -10.33
C ASN A 55 -1.78 4.38 -8.84
N CYS A 56 -1.80 3.24 -8.21
CA CYS A 56 -2.11 3.13 -6.82
C CYS A 56 -0.95 3.28 -5.84
N ALA A 57 0.18 3.73 -6.34
CA ALA A 57 1.39 3.73 -5.56
C ALA A 57 1.22 4.49 -4.24
N GLY A 58 1.77 3.92 -3.17
CA GLY A 58 1.98 4.61 -1.92
C GLY A 58 3.42 4.46 -1.54
N ARG A 59 3.77 5.02 -0.41
CA ARG A 59 5.10 4.97 0.14
C ARG A 59 5.03 4.78 1.65
N ILE A 60 5.77 3.76 2.13
CA ILE A 60 5.81 3.46 3.58
C ILE A 60 6.53 4.58 4.28
N ILE A 61 5.92 5.12 5.31
CA ILE A 61 6.53 6.03 6.29
C ILE A 61 6.95 5.25 7.54
N LYS A 62 6.11 4.30 7.98
CA LYS A 62 6.32 3.47 9.17
C LYS A 62 5.80 2.09 8.90
N GLY A 63 6.53 1.06 9.34
CA GLY A 63 6.11 -0.32 9.32
C GLY A 63 6.50 -1.05 8.10
N THR A 64 5.82 -2.17 7.90
CA THR A 64 6.18 -3.10 6.88
C THR A 64 4.96 -3.62 6.10
N VAL A 65 5.21 -3.96 4.85
CA VAL A 65 4.21 -4.57 4.02
C VAL A 65 4.86 -5.68 3.22
N ASP A 66 4.08 -6.64 2.79
N ASP A 66 4.03 -6.55 2.69
CA ASP A 66 4.49 -7.50 1.72
CA ASP A 66 4.39 -7.67 1.86
C ASP A 66 3.81 -7.12 0.43
C ASP A 66 3.82 -7.39 0.43
N GLN A 67 4.66 -6.88 -0.53
CA GLN A 67 4.20 -6.64 -1.86
C GLN A 67 4.06 -7.95 -2.58
N SER A 68 2.89 -8.20 -3.18
N SER A 68 2.87 -8.24 -3.14
CA SER A 68 2.67 -9.50 -3.85
CA SER A 68 2.67 -9.57 -3.78
C SER A 68 3.75 -9.72 -4.89
C SER A 68 3.70 -9.73 -4.89
N ASP A 69 4.18 -10.96 -5.03
CA ASP A 69 5.24 -11.33 -5.98
C ASP A 69 4.97 -10.88 -7.42
N HIS A 70 3.72 -10.90 -7.84
N HIS A 70 3.71 -10.91 -7.85
CA HIS A 70 3.41 -10.61 -9.25
CA HIS A 70 3.41 -10.59 -9.26
C HIS A 70 3.46 -9.09 -9.59
C HIS A 70 3.49 -9.09 -9.59
N SER A 71 3.63 -8.28 -8.53
CA SER A 71 3.61 -6.90 -8.71
C SER A 71 4.77 -6.42 -9.58
N PHE A 72 4.49 -5.39 -10.36
CA PHE A 72 5.47 -4.80 -11.30
C PHE A 72 6.16 -3.60 -10.64
N LEU A 73 6.84 -3.89 -9.51
CA LEU A 73 7.73 -2.94 -8.77
C LEU A 73 9.05 -3.65 -8.71
N LYS A 74 10.10 -2.89 -8.96
CA LYS A 74 11.50 -3.34 -8.82
C LYS A 74 11.96 -3.42 -7.45
N PRO A 75 12.89 -4.35 -7.19
CA PRO A 75 13.45 -4.31 -5.88
C PRO A 75 13.96 -3.01 -5.37
N LYS A 76 14.57 -2.20 -6.20
CA LYS A 76 15.03 -0.85 -5.84
C LYS A 76 13.90 0.05 -5.32
N GLU A 77 12.76 -0.15 -5.92
CA GLU A 77 11.62 0.69 -5.61
C GLU A 77 10.99 0.22 -4.28
N LEU A 78 10.97 -1.08 -4.09
CA LEU A 78 10.52 -1.69 -2.87
C LEU A 78 11.44 -1.21 -1.73
N ASP A 79 12.74 -1.28 -1.97
N ASP A 79 12.74 -1.24 -1.97
CA ASP A 79 13.69 -0.88 -0.96
CA ASP A 79 13.66 -0.84 -0.92
C ASP A 79 13.56 0.61 -0.58
C ASP A 79 13.55 0.63 -0.57
N ALA A 80 13.16 1.44 -1.53
CA ALA A 80 12.86 2.85 -1.30
C ALA A 80 11.55 3.16 -0.58
N GLY A 81 10.76 2.13 -0.34
CA GLY A 81 9.55 2.25 0.38
C GLY A 81 8.29 2.31 -0.42
N PHE A 82 8.40 2.19 -1.74
CA PHE A 82 7.20 2.28 -2.52
C PHE A 82 6.42 0.98 -2.45
N VAL A 83 5.10 1.11 -2.46
N VAL A 83 5.12 1.06 -2.67
CA VAL A 83 4.18 0.01 -2.38
CA VAL A 83 4.26 -0.09 -2.64
C VAL A 83 3.12 0.22 -3.52
C VAL A 83 3.02 0.17 -3.45
N LEU A 84 2.55 -0.86 -4.11
CA LEU A 84 1.37 -0.79 -4.94
C LEU A 84 0.26 -1.30 -4.03
N LEU A 85 -0.61 -0.39 -3.57
CA LEU A 85 -1.57 -0.75 -2.55
C LEU A 85 -2.60 -1.74 -3.01
N CYS A 86 -2.87 -1.80 -4.33
CA CYS A 86 -3.78 -2.83 -4.85
C CYS A 86 -3.32 -4.25 -4.69
N ALA A 87 -2.05 -4.42 -4.34
CA ALA A 87 -1.44 -5.73 -4.37
C ALA A 87 -0.46 -5.96 -3.21
N ALA A 88 -0.67 -5.21 -2.11
CA ALA A 88 0.18 -5.27 -0.93
C ALA A 88 -0.58 -5.62 0.31
N TYR A 89 -0.04 -6.50 1.12
CA TYR A 89 -0.62 -6.87 2.39
C TYR A 89 0.17 -6.19 3.53
N PRO A 90 -0.48 -5.76 4.59
CA PRO A 90 0.27 -5.22 5.75
C PRO A 90 0.90 -6.38 6.45
N THR A 91 2.08 -6.10 7.00
CA THR A 91 2.70 -7.03 7.91
C THR A 91 3.07 -6.41 9.26
N SER A 92 2.58 -5.22 9.50
CA SER A 92 2.71 -4.53 10.75
C SER A 92 1.71 -3.39 10.79
N ASP A 93 1.55 -2.76 11.94
CA ASP A 93 0.83 -1.53 11.99
C ASP A 93 1.69 -0.60 11.16
N CYS A 94 1.05 0.12 10.24
N CYS A 94 1.11 0.15 10.24
CA CYS A 94 1.70 0.86 9.14
CA CYS A 94 1.93 0.96 9.39
C CYS A 94 1.24 2.30 9.02
C CYS A 94 1.29 2.25 9.02
N VAL A 95 2.12 3.16 8.50
CA VAL A 95 1.71 4.46 8.06
C VAL A 95 2.22 4.56 6.63
N ILE A 96 1.34 4.87 5.69
CA ILE A 96 1.66 4.87 4.29
C ILE A 96 1.10 6.15 3.67
N SER A 97 1.95 6.87 2.93
N SER A 97 1.95 6.82 2.89
CA SER A 97 1.55 8.06 2.22
CA SER A 97 1.55 7.98 2.15
C SER A 97 1.04 7.64 0.86
C SER A 97 0.94 7.52 0.87
N THR A 98 -0.09 8.24 0.46
CA THR A 98 -0.82 7.85 -0.72
C THR A 98 -0.46 8.84 -1.86
N HIS A 99 -0.97 8.52 -3.04
CA HIS A 99 -0.80 9.38 -4.22
C HIS A 99 0.66 9.58 -4.50
N GLU A 100 1.42 8.47 -4.45
CA GLU A 100 2.87 8.54 -4.65
C GLU A 100 3.38 8.17 -6.05
N GLU A 101 2.45 8.06 -7.00
CA GLU A 101 2.79 7.73 -8.39
C GLU A 101 3.92 8.55 -8.97
N ASP A 102 3.77 9.87 -8.89
CA ASP A 102 4.76 10.76 -9.49
C ASP A 102 6.15 10.61 -8.77
N ASN A 103 6.18 10.38 -7.47
CA ASN A 103 7.43 10.24 -6.80
C ASN A 103 8.08 8.92 -7.15
N LEU A 104 7.28 7.90 -7.42
CA LEU A 104 7.84 6.61 -7.86
C LEU A 104 8.46 6.76 -9.26
N LEU A 105 7.73 7.40 -10.15
CA LEU A 105 8.19 7.66 -11.50
C LEU A 105 9.46 8.49 -11.50
N ASN A 106 9.64 9.41 -10.52
CA ASN A 106 10.86 10.24 -10.39
C ASN A 106 11.99 9.59 -9.70
N LEU A 107 11.81 8.39 -9.21
CA LEU A 107 12.87 7.75 -8.48
C LEU A 107 13.95 7.45 -9.44
N ALA A 108 15.17 7.79 -9.05
CA ALA A 108 16.27 7.61 -9.97
C ALA A 108 16.95 6.22 -9.81
#